data_2I1K
#
_entry.id   2I1K
#
_cell.length_a   126.940
_cell.length_b   126.940
_cell.length_c   272.517
_cell.angle_alpha   90.00
_cell.angle_beta   90.00
_cell.angle_gamma   120.00
#
_symmetry.space_group_name_H-M   'H 3 2'
#
loop_
_entity.id
_entity.type
_entity.pdbx_description
1 polymer Moesin
2 non-polymer 'CHLORIDE ION'
3 non-polymer UREA
4 non-polymer GLYCEROL
5 water water
#
_entity_poly.entity_id   1
_entity_poly.type   'polypeptide(L)'
_entity_poly.pdbx_seq_one_letter_code
;MPKSMNVRVTTMDAELEFAIQQTTTGKQLFDQVVKTIGLREVWFFGLQYTDSKGDLTWIKLYKKVMQQDVKKENPLQFKF
RAKFYPEDVADELIQEITLKLFYLQVKNAILSDEIYCPPETSVLLASYAVQARHGDHNPAVHGPGFLANDRLLPQRVTDQ
HKMSREEWEQSITNWWQEHRGMLREDAMMEYLKIAQDLEMYGVNYFEIRNKKNTELWLGVDALGLNIYEKDDKLTPKIGF
PWSEIRNISFNDRKFIIKPIDKKAPDFVFFAPRVRVNKRILALCMGNHELYMRRRKPDTIDVQQMKAQAREEKLAKQAQR
EKLQLEIAARERAEKKQQEYQDRLRQMQEEMERSQANLLEAQDMILRLEEQLRQLQAAKEELEQRQNELQAMMQRLEETK
NMEAAERQKLEDEIRAKQEEVSRIQQEVELKDSETRRLQEEVEDARRKQDEAAAALLAATTPQHHHVAERADTDPDHDNA
SDAGSESGGGDLARGPDDLVDPVADRRTLAERNERLHNQLKALKQDLARSCDETKETAMDKIHRENVRQGRDKYKTLREI
RKGNTKRRVDQFENM
;
_entity_poly.pdbx_strand_id   A
#
loop_
_chem_comp.id
_chem_comp.type
_chem_comp.name
_chem_comp.formula
CL non-polymer 'CHLORIDE ION' 'Cl -1'
GOL non-polymer GLYCEROL 'C3 H8 O3'
URE non-polymer UREA 'C H4 N2 O'
#
# COMPACT_ATOMS: atom_id res chain seq x y z
N LYS A 3 10.14 24.49 -11.43
CA LYS A 3 8.73 24.01 -11.38
C LYS A 3 8.69 22.48 -11.27
N SER A 4 9.10 21.81 -12.35
CA SER A 4 9.09 20.34 -12.41
C SER A 4 10.20 19.73 -11.55
N MET A 5 9.86 18.69 -10.78
CA MET A 5 10.76 18.11 -9.78
C MET A 5 11.14 16.67 -10.12
N ASN A 6 12.39 16.31 -9.85
CA ASN A 6 12.86 14.93 -9.95
C ASN A 6 12.66 14.20 -8.62
N VAL A 7 12.09 13.00 -8.70
CA VAL A 7 11.88 12.17 -7.52
C VAL A 7 12.46 10.78 -7.78
N ARG A 8 12.94 10.14 -6.72
CA ARG A 8 13.35 8.74 -6.75
C ARG A 8 12.54 7.95 -5.71
N VAL A 9 11.92 6.87 -6.16
CA VAL A 9 11.19 5.98 -5.28
C VAL A 9 11.89 4.63 -5.30
N THR A 10 12.29 4.15 -4.12
CA THR A 10 12.90 2.83 -4.02
C THR A 10 11.95 1.82 -3.38
N THR A 11 11.58 0.81 -4.14
CA THR A 11 10.87 -0.33 -3.60
C THR A 11 11.93 -1.34 -3.18
N MET A 12 11.53 -2.46 -2.60
CA MET A 12 12.50 -3.47 -2.18
C MET A 12 13.18 -4.16 -3.38
N ASP A 13 12.63 -4.00 -4.59
CA ASP A 13 13.17 -4.68 -5.76
C ASP A 13 13.50 -3.76 -6.95
N ALA A 14 13.31 -2.45 -6.77
CA ALA A 14 13.51 -1.49 -7.86
C ALA A 14 13.81 -0.10 -7.36
N GLU A 15 14.55 0.66 -8.18
CA GLU A 15 14.65 2.10 -8.07
C GLU A 15 13.99 2.67 -9.30
N LEU A 16 13.05 3.59 -9.08
CA LEU A 16 12.38 4.30 -10.17
C LEU A 16 12.73 5.77 -10.09
N GLU A 17 13.27 6.29 -11.17
CA GLU A 17 13.64 7.69 -11.27
C GLU A 17 12.77 8.35 -12.32
N PHE A 18 12.07 9.41 -11.92
CA PHE A 18 11.14 10.08 -12.83
C PHE A 18 10.76 11.47 -12.31
N ALA A 19 10.36 12.34 -13.24
CA ALA A 19 9.98 13.71 -12.90
C ALA A 19 8.48 13.81 -12.70
N ILE A 20 8.07 14.69 -11.80
CA ILE A 20 6.66 15.00 -11.58
C ILE A 20 6.40 16.49 -11.74
N GLN A 21 5.14 16.86 -11.97
CA GLN A 21 4.77 18.27 -12.08
C GLN A 21 4.87 18.97 -10.72
N GLN A 22 4.97 20.30 -10.73
CA GLN A 22 5.16 21.07 -9.51
C GLN A 22 4.10 20.78 -8.45
N THR A 23 2.85 20.58 -8.90
CA THR A 23 1.70 20.42 -7.99
C THR A 23 1.13 18.99 -7.97
N THR A 24 2.01 17.99 -8.04
CA THR A 24 1.62 16.60 -7.99
C THR A 24 1.26 16.26 -6.55
N THR A 25 0.11 15.60 -6.37
CA THR A 25 -0.32 15.19 -5.02
C THR A 25 0.41 13.91 -4.64
N GLY A 26 0.52 13.68 -3.34
CA GLY A 26 1.06 12.42 -2.84
C GLY A 26 0.47 11.20 -3.55
N LYS A 27 -0.82 11.27 -3.90
CA LYS A 27 -1.49 10.14 -4.51
C LYS A 27 -1.01 9.93 -5.93
N GLN A 28 -0.76 11.04 -6.62
CA GLN A 28 -0.33 10.99 -8.00
C GLN A 28 1.06 10.38 -8.11
N LEU A 29 1.89 10.64 -7.09
CA LEU A 29 3.21 10.01 -6.98
C LEU A 29 3.08 8.55 -6.66
N PHE A 30 2.30 8.25 -5.62
CA PHE A 30 2.04 6.87 -5.19
C PHE A 30 1.49 6.01 -6.33
N ASP A 31 0.50 6.52 -7.05
CA ASP A 31 -0.11 5.76 -8.15
C ASP A 31 0.91 5.42 -9.24
N GLN A 32 1.79 6.36 -9.58
CA GLN A 32 2.78 6.08 -10.62
C GLN A 32 3.69 4.93 -10.20
N VAL A 33 4.02 4.86 -8.91
CA VAL A 33 4.86 3.78 -8.39
C VAL A 33 4.15 2.44 -8.55
N VAL A 34 2.92 2.35 -8.07
CA VAL A 34 2.24 1.06 -8.05
C VAL A 34 1.76 0.61 -9.44
N LYS A 35 1.23 1.53 -10.25
CA LYS A 35 0.80 1.16 -11.59
C LYS A 35 1.95 0.58 -12.43
N THR A 36 3.16 1.09 -12.19
CA THR A 36 4.36 0.55 -12.84
C THR A 36 4.60 -0.89 -12.41
N ILE A 37 4.84 -1.09 -11.12
CA ILE A 37 5.17 -2.43 -10.62
C ILE A 37 3.97 -3.39 -10.65
N GLY A 38 2.77 -2.85 -10.89
CA GLY A 38 1.60 -3.68 -11.09
C GLY A 38 0.87 -4.07 -9.82
N LEU A 39 0.96 -3.24 -8.79
CA LEU A 39 0.46 -3.57 -7.45
C LEU A 39 -0.91 -2.95 -7.20
N ARG A 40 -1.86 -3.78 -6.82
CA ARG A 40 -3.23 -3.34 -6.57
C ARG A 40 -3.63 -3.44 -5.08
N GLU A 41 -2.86 -4.17 -4.29
CA GLU A 41 -3.10 -4.26 -2.86
C GLU A 41 -2.48 -3.04 -2.16
N VAL A 42 -2.96 -1.86 -2.54
CA VAL A 42 -2.34 -0.59 -2.14
C VAL A 42 -2.46 -0.28 -0.65
N TRP A 43 -3.45 -0.88 0.00
CA TRP A 43 -3.76 -0.59 1.41
C TRP A 43 -2.61 -0.84 2.38
N PHE A 44 -1.74 -1.79 2.04
CA PHE A 44 -0.60 -2.12 2.92
C PHE A 44 0.52 -1.08 2.86
N PHE A 45 0.55 -0.24 1.83
CA PHE A 45 1.77 0.52 1.49
C PHE A 45 1.72 2.04 1.55
N GLY A 46 2.90 2.63 1.69
CA GLY A 46 3.07 4.08 1.71
C GLY A 46 4.46 4.49 1.23
N LEU A 47 4.73 5.79 1.28
CA LEU A 47 5.99 6.36 0.85
C LEU A 47 6.68 7.09 2.03
N GLN A 48 7.76 6.50 2.57
CA GLN A 48 8.55 7.15 3.62
C GLN A 48 9.46 8.19 3.01
N TYR A 49 9.71 9.27 3.74
CA TYR A 49 10.73 10.25 3.38
C TYR A 49 11.39 10.89 4.61
N THR A 50 12.39 11.74 4.38
CA THR A 50 12.97 12.54 5.46
C THR A 50 12.58 14.00 5.28
N ASP A 51 12.03 14.63 6.34
CA ASP A 51 11.65 16.03 6.27
C ASP A 51 12.85 16.90 6.61
N SER A 52 12.69 18.22 6.51
CA SER A 52 13.80 19.14 6.76
C SER A 52 14.34 19.03 8.19
N LYS A 53 13.49 18.63 9.13
CA LYS A 53 13.91 18.37 10.52
C LYS A 53 14.56 16.99 10.73
N GLY A 54 14.80 16.25 9.64
CA GLY A 54 15.53 14.97 9.71
C GLY A 54 14.77 13.76 10.25
N ASP A 55 13.43 13.81 10.22
CA ASP A 55 12.60 12.73 10.77
C ASP A 55 11.98 11.88 9.66
N LEU A 56 11.88 10.58 9.89
CA LEU A 56 11.19 9.69 8.96
C LEU A 56 9.69 10.01 8.98
N THR A 57 9.12 10.17 7.78
CA THR A 57 7.76 10.68 7.63
C THR A 57 7.06 9.97 6.47
N TRP A 58 5.78 9.69 6.63
CA TRP A 58 4.99 9.10 5.57
C TRP A 58 4.34 10.20 4.73
N ILE A 59 4.23 9.98 3.43
CA ILE A 59 3.58 10.93 2.52
C ILE A 59 2.07 10.91 2.70
N LYS A 60 1.47 12.10 2.76
CA LYS A 60 0.01 12.21 2.78
C LYS A 60 -0.50 12.26 1.34
N LEU A 61 -1.49 11.43 1.04
CA LEU A 61 -1.97 11.19 -0.32
C LEU A 61 -2.62 12.40 -0.98
N TYR A 62 -3.44 13.12 -0.23
CA TYR A 62 -4.29 14.15 -0.85
C TYR A 62 -3.77 15.53 -0.50
N LYS A 63 -2.45 15.63 -0.45
CA LYS A 63 -1.76 16.89 -0.17
C LYS A 63 -0.60 17.01 -1.14
N LYS A 64 -0.42 18.19 -1.73
CA LYS A 64 0.64 18.41 -2.72
C LYS A 64 2.00 18.01 -2.14
N VAL A 65 2.79 17.27 -2.90
CA VAL A 65 4.08 16.75 -2.43
C VAL A 65 5.02 17.88 -1.96
N MET A 66 5.05 18.97 -2.73
CA MET A 66 5.87 20.14 -2.39
C MET A 66 5.39 20.89 -1.14
N GLN A 67 4.20 20.55 -0.65
CA GLN A 67 3.65 21.13 0.58
C GLN A 67 3.93 20.28 1.82
N GLN A 68 4.69 19.20 1.68
CA GLN A 68 4.90 18.28 2.80
C GLN A 68 6.31 18.36 3.39
N ASP A 69 7.14 19.24 2.82
CA ASP A 69 8.46 19.52 3.36
C ASP A 69 9.40 18.31 3.27
N VAL A 70 9.45 17.71 2.08
CA VAL A 70 10.43 16.67 1.81
C VAL A 70 11.81 17.31 1.85
N LYS A 71 12.79 16.63 2.45
CA LYS A 71 14.17 17.12 2.50
C LYS A 71 14.60 17.52 1.10
N LYS A 72 15.14 18.72 0.95
CA LYS A 72 15.45 19.25 -0.38
C LYS A 72 16.69 18.59 -0.98
N GLU A 73 16.47 17.75 -1.99
CA GLU A 73 17.54 17.10 -2.73
C GLU A 73 17.16 17.02 -4.20
N ASN A 74 18.11 16.65 -5.04
CA ASN A 74 17.86 16.35 -6.45
C ASN A 74 18.45 14.97 -6.80
N PRO A 75 17.59 13.94 -6.91
CA PRO A 75 16.14 13.88 -6.75
C PRO A 75 15.65 13.79 -5.30
N LEU A 76 14.35 14.00 -5.12
CA LEU A 76 13.71 13.75 -3.85
C LEU A 76 13.69 12.23 -3.55
N GLN A 77 14.05 11.88 -2.32
CA GLN A 77 14.25 10.49 -1.95
C GLN A 77 13.03 9.92 -1.25
N PHE A 78 12.47 8.84 -1.81
CA PHE A 78 11.37 8.13 -1.21
C PHE A 78 11.64 6.64 -1.11
N LYS A 79 11.06 6.00 -0.09
CA LYS A 79 11.02 4.55 0.02
C LYS A 79 9.56 4.06 -0.04
N PHE A 80 9.24 3.23 -1.02
CA PHE A 80 7.99 2.48 -1.03
C PHE A 80 8.15 1.32 -0.05
N ARG A 81 7.31 1.30 0.97
CA ARG A 81 7.40 0.30 2.05
C ARG A 81 6.01 -0.06 2.55
N ALA A 82 5.87 -1.27 3.07
CA ALA A 82 4.64 -1.68 3.74
C ALA A 82 4.50 -0.93 5.06
N LYS A 83 3.44 -0.14 5.18
CA LYS A 83 3.14 0.57 6.42
C LYS A 83 2.27 -0.29 7.34
N PHE A 84 1.54 -1.24 6.74
CA PHE A 84 0.65 -2.15 7.48
C PHE A 84 0.81 -3.60 7.05
N TYR A 85 0.80 -4.50 8.02
CA TYR A 85 1.00 -5.92 7.77
C TYR A 85 -0.35 -6.64 7.77
N PRO A 86 -0.47 -7.71 6.98
CA PRO A 86 -1.66 -8.54 7.09
C PRO A 86 -1.68 -9.31 8.40
N GLU A 87 -2.88 -9.73 8.83
CA GLU A 87 -3.05 -10.60 9.99
C GLU A 87 -2.54 -12.00 9.72
N ASP A 88 -2.89 -12.55 8.57
CA ASP A 88 -2.42 -13.87 8.20
C ASP A 88 -1.94 -13.84 6.75
N VAL A 89 -0.62 -13.83 6.58
CA VAL A 89 -0.02 -13.78 5.26
C VAL A 89 -0.64 -14.80 4.29
N ALA A 90 -0.84 -16.03 4.76
CA ALA A 90 -1.22 -17.15 3.88
C ALA A 90 -2.60 -16.92 3.28
N ASP A 91 -3.46 -16.29 4.05
CA ASP A 91 -4.83 -16.04 3.64
C ASP A 91 -5.00 -14.72 2.88
N GLU A 92 -4.11 -13.75 3.13
CA GLU A 92 -4.34 -12.37 2.66
C GLU A 92 -3.60 -11.95 1.41
N LEU A 93 -2.29 -12.17 1.33
CA LEU A 93 -1.50 -11.67 0.21
C LEU A 93 -1.92 -12.33 -1.10
N ILE A 94 -2.33 -11.51 -2.08
CA ILE A 94 -3.05 -11.99 -3.27
C ILE A 94 -2.16 -12.04 -4.49
N GLN A 95 -1.58 -10.90 -4.84
CA GLN A 95 -0.69 -10.79 -6.00
C GLN A 95 0.71 -11.27 -5.65
N GLU A 96 1.45 -11.67 -6.69
CA GLU A 96 2.83 -12.13 -6.51
C GLU A 96 3.73 -10.96 -6.10
N ILE A 97 3.50 -9.79 -6.69
CA ILE A 97 4.33 -8.60 -6.43
C ILE A 97 4.20 -8.14 -4.98
N THR A 98 3.00 -8.19 -4.43
CA THR A 98 2.79 -7.83 -3.02
C THR A 98 3.50 -8.81 -2.08
N LEU A 99 3.47 -10.11 -2.44
CA LEU A 99 4.16 -11.15 -1.69
C LEU A 99 5.67 -10.90 -1.69
N LYS A 100 6.20 -10.56 -2.86
CA LYS A 100 7.65 -10.39 -3.02
C LYS A 100 8.15 -9.22 -2.18
N LEU A 101 7.45 -8.10 -2.27
CA LEU A 101 7.84 -6.90 -1.53
C LEU A 101 7.76 -7.08 -0.01
N PHE A 102 6.78 -7.85 0.48
CA PHE A 102 6.72 -8.16 1.93
C PHE A 102 7.86 -9.06 2.35
N TYR A 103 8.00 -10.17 1.63
CA TYR A 103 9.11 -11.10 1.87
C TYR A 103 10.44 -10.34 1.92
N LEU A 104 10.65 -9.42 0.99
CA LEU A 104 11.90 -8.69 0.94
C LEU A 104 12.02 -7.70 2.10
N GLN A 105 10.94 -7.01 2.44
CA GLN A 105 10.97 -6.05 3.55
C GLN A 105 11.14 -6.76 4.91
N VAL A 106 10.52 -7.92 5.07
CA VAL A 106 10.56 -8.63 6.36
C VAL A 106 11.90 -9.32 6.56
N LYS A 107 12.39 -9.97 5.51
CA LYS A 107 13.73 -10.56 5.48
C LYS A 107 14.79 -9.54 5.87
N ASN A 108 14.62 -8.33 5.33
CA ASN A 108 15.54 -7.24 5.60
C ASN A 108 15.52 -6.83 7.07
N ALA A 109 14.35 -6.91 7.70
CA ALA A 109 14.19 -6.59 9.12
C ALA A 109 14.87 -7.67 9.97
N ILE A 110 14.71 -8.92 9.56
CA ILE A 110 15.34 -10.04 10.25
C ILE A 110 16.84 -9.95 10.13
N LEU A 111 17.31 -9.70 8.91
CA LEU A 111 18.74 -9.69 8.64
C LEU A 111 19.42 -8.49 9.28
N SER A 112 18.69 -7.38 9.42
CA SER A 112 19.25 -6.15 9.97
C SER A 112 19.04 -6.06 11.48
N ASP A 113 18.41 -7.08 12.05
CA ASP A 113 18.15 -7.15 13.49
C ASP A 113 17.16 -6.10 13.98
N GLU A 114 16.30 -5.59 13.08
CA GLU A 114 15.15 -4.79 13.48
C GLU A 114 14.19 -5.65 14.29
N ILE A 115 14.05 -6.91 13.88
CA ILE A 115 13.18 -7.89 14.53
C ILE A 115 14.05 -8.99 15.11
N TYR A 116 13.81 -9.38 16.35
CA TYR A 116 14.50 -10.52 16.90
C TYR A 116 14.04 -11.78 16.18
N CYS A 117 15.01 -12.55 15.70
CA CYS A 117 14.76 -13.89 15.20
C CYS A 117 15.85 -14.78 15.76
N PRO A 118 15.48 -15.85 16.48
CA PRO A 118 16.49 -16.72 17.08
C PRO A 118 17.29 -17.52 16.04
N PRO A 119 18.43 -18.12 16.46
CA PRO A 119 19.34 -18.75 15.50
C PRO A 119 18.66 -19.84 14.68
N GLU A 120 17.99 -20.77 15.35
CA GLU A 120 17.34 -21.88 14.68
C GLU A 120 16.41 -21.39 13.56
N THR A 121 15.61 -20.37 13.85
CA THR A 121 14.66 -19.84 12.87
C THR A 121 15.42 -19.12 11.77
N SER A 122 16.36 -18.25 12.15
CA SER A 122 17.24 -17.58 11.19
C SER A 122 17.80 -18.53 10.15
N VAL A 123 18.39 -19.63 10.62
CA VAL A 123 18.92 -20.65 9.70
C VAL A 123 17.81 -21.21 8.81
N LEU A 124 16.72 -21.66 9.41
CA LEU A 124 15.64 -22.24 8.61
C LEU A 124 15.14 -21.24 7.56
N LEU A 125 14.95 -19.98 7.99
CA LEU A 125 14.50 -18.91 7.11
C LEU A 125 15.45 -18.67 5.94
N ALA A 126 16.75 -18.71 6.23
CA ALA A 126 17.78 -18.56 5.20
C ALA A 126 17.63 -19.61 4.07
N SER A 127 17.29 -20.84 4.43
CA SER A 127 17.17 -21.92 3.44
C SER A 127 15.97 -21.65 2.53
N TYR A 128 14.88 -21.17 3.10
CA TYR A 128 13.74 -20.75 2.28
C TYR A 128 14.12 -19.57 1.41
N ALA A 129 14.85 -18.60 1.99
CA ALA A 129 15.34 -17.45 1.23
C ALA A 129 16.13 -17.83 -0.02
N VAL A 130 17.06 -18.76 0.11
CA VAL A 130 17.90 -19.15 -1.04
C VAL A 130 17.08 -19.87 -2.11
N GLN A 131 16.06 -20.63 -1.69
CA GLN A 131 15.16 -21.31 -2.63
C GLN A 131 14.35 -20.28 -3.42
N ALA A 132 13.88 -19.26 -2.71
CA ALA A 132 13.20 -18.12 -3.29
C ALA A 132 14.03 -17.46 -4.38
N ARG A 133 15.31 -17.24 -4.10
CA ARG A 133 16.21 -16.52 -4.99
C ARG A 133 16.75 -17.38 -6.13
N HIS A 134 17.16 -18.61 -5.80
CA HIS A 134 17.91 -19.45 -6.72
C HIS A 134 17.17 -20.69 -7.21
N GLY A 135 15.96 -20.93 -6.71
CA GLY A 135 15.23 -22.15 -7.06
C GLY A 135 15.85 -23.40 -6.46
N ASP A 136 15.58 -24.55 -7.08
CA ASP A 136 16.06 -25.81 -6.53
C ASP A 136 17.57 -25.86 -6.50
N HIS A 137 18.11 -26.36 -5.39
CA HIS A 137 19.52 -26.73 -5.33
C HIS A 137 19.79 -27.81 -6.36
N ASN A 138 20.96 -27.75 -6.97
CA ASN A 138 21.38 -28.70 -7.99
C ASN A 138 22.89 -28.83 -7.97
N PRO A 139 23.39 -29.99 -7.54
CA PRO A 139 24.83 -30.14 -7.32
C PRO A 139 25.62 -30.10 -8.63
N ALA A 140 24.96 -30.37 -9.74
CA ALA A 140 25.56 -30.26 -11.07
C ALA A 140 25.95 -28.82 -11.40
N VAL A 141 25.13 -27.87 -10.98
CA VAL A 141 25.26 -26.48 -11.38
C VAL A 141 25.70 -25.59 -10.22
N HIS A 142 25.26 -25.93 -9.00
CA HIS A 142 25.60 -25.17 -7.81
C HIS A 142 26.82 -25.79 -7.14
N GLY A 143 27.98 -25.19 -7.38
CA GLY A 143 29.21 -25.65 -6.77
C GLY A 143 29.30 -25.20 -5.33
N PRO A 144 30.40 -25.58 -4.64
CA PRO A 144 30.59 -25.12 -3.27
C PRO A 144 30.92 -23.65 -3.32
N GLY A 145 30.48 -22.89 -2.33
CA GLY A 145 30.69 -21.45 -2.36
C GLY A 145 29.78 -20.71 -3.34
N PHE A 146 28.72 -21.39 -3.82
CA PHE A 146 27.74 -20.75 -4.69
C PHE A 146 27.06 -19.61 -3.96
N LEU A 147 26.86 -19.78 -2.66
CA LEU A 147 26.20 -18.78 -1.83
C LEU A 147 27.14 -17.71 -1.27
N ALA A 148 28.34 -17.60 -1.85
CA ALA A 148 29.36 -16.67 -1.37
C ALA A 148 28.85 -15.22 -1.26
N ASN A 149 27.97 -14.82 -2.18
CA ASN A 149 27.48 -13.43 -2.24
C ASN A 149 26.10 -13.21 -1.62
N ASP A 150 25.42 -14.29 -1.24
CA ASP A 150 24.13 -14.17 -0.57
C ASP A 150 24.32 -13.69 0.85
N ARG A 151 23.43 -12.80 1.30
CA ARG A 151 23.41 -12.32 2.67
C ARG A 151 22.52 -13.25 3.52
N LEU A 152 23.15 -14.15 4.28
CA LEU A 152 22.45 -15.29 4.88
C LEU A 152 21.75 -15.04 6.22
N LEU A 153 22.52 -14.71 7.26
CA LEU A 153 22.02 -14.66 8.64
C LEU A 153 22.24 -13.29 9.27
N PRO A 154 21.56 -13.03 10.40
CA PRO A 154 21.81 -11.79 11.12
C PRO A 154 23.19 -11.79 11.77
N GLN A 155 23.81 -10.62 11.87
CA GLN A 155 25.12 -10.48 12.49
C GLN A 155 25.16 -11.08 13.89
N ARG A 156 24.15 -10.77 14.70
CA ARG A 156 24.02 -11.38 16.02
C ARG A 156 24.31 -12.88 15.98
N VAL A 157 23.66 -13.56 15.04
CA VAL A 157 23.69 -15.02 14.96
C VAL A 157 25.03 -15.59 14.49
N THR A 158 25.81 -14.81 13.75
CA THR A 158 27.15 -15.26 13.35
C THR A 158 28.20 -14.94 14.42
N ASP A 159 28.07 -13.78 15.07
CA ASP A 159 28.99 -13.36 16.13
C ASP A 159 29.00 -14.29 17.34
N GLN A 160 27.91 -15.03 17.56
CA GLN A 160 27.76 -15.86 18.75
C GLN A 160 27.94 -17.36 18.52
N HIS A 161 28.32 -17.76 17.30
CA HIS A 161 28.61 -19.17 17.01
C HIS A 161 30.02 -19.31 16.43
N LYS A 162 30.69 -20.41 16.76
CA LYS A 162 32.06 -20.64 16.32
C LYS A 162 31.93 -21.47 15.07
N MET A 163 31.45 -20.84 14.01
CA MET A 163 31.22 -21.54 12.75
C MET A 163 31.78 -20.75 11.59
N SER A 164 32.60 -21.40 10.77
CA SER A 164 33.14 -20.77 9.59
C SER A 164 32.03 -20.50 8.59
N ARG A 165 32.22 -19.47 7.77
CA ARG A 165 31.31 -19.14 6.69
C ARG A 165 30.98 -20.41 5.93
N GLU A 166 32.03 -21.11 5.52
CA GLU A 166 31.92 -22.38 4.79
C GLU A 166 30.91 -23.34 5.44
N GLU A 167 31.00 -23.47 6.76
CA GLU A 167 30.09 -24.34 7.51
C GLU A 167 28.64 -23.85 7.41
N TRP A 168 28.41 -22.55 7.66
CA TRP A 168 27.06 -21.98 7.58
C TRP A 168 26.43 -22.25 6.23
N GLU A 169 27.22 -22.07 5.17
CA GLU A 169 26.74 -22.33 3.82
C GLU A 169 26.32 -23.78 3.69
N GLN A 170 27.14 -24.70 4.18
CA GLN A 170 26.84 -26.12 4.08
C GLN A 170 25.57 -26.44 4.86
N SER A 171 25.49 -25.94 6.08
CA SER A 171 24.30 -26.18 6.90
C SER A 171 23.04 -25.66 6.19
N ILE A 172 23.09 -24.44 5.66
CA ILE A 172 21.94 -23.85 4.97
C ILE A 172 21.64 -24.57 3.64
N THR A 173 22.67 -25.12 3.00
CA THR A 173 22.48 -25.90 1.78
C THR A 173 21.77 -27.23 2.05
N ASN A 174 22.09 -27.87 3.18
CA ASN A 174 21.40 -29.10 3.57
C ASN A 174 19.91 -28.91 3.70
N TRP A 175 19.51 -27.81 4.34
CA TRP A 175 18.10 -27.48 4.49
C TRP A 175 17.50 -26.99 3.18
N TRP A 176 18.26 -26.20 2.44
CA TRP A 176 17.84 -25.79 1.10
C TRP A 176 17.44 -27.03 0.30
N GLN A 177 18.24 -28.09 0.41
CA GLN A 177 17.97 -29.32 -0.32
C GLN A 177 16.62 -29.94 0.03
N GLU A 178 16.16 -29.75 1.26
CA GLU A 178 14.87 -30.29 1.70
C GLU A 178 13.70 -29.64 0.98
N HIS A 179 13.94 -28.49 0.33
CA HIS A 179 12.86 -27.75 -0.34
C HIS A 179 12.74 -28.02 -1.85
N ARG A 180 13.41 -29.05 -2.37
CA ARG A 180 13.36 -29.33 -3.83
C ARG A 180 11.93 -29.47 -4.33
N GLY A 181 11.63 -28.76 -5.42
CA GLY A 181 10.32 -28.87 -6.07
C GLY A 181 9.43 -27.70 -5.78
N MET A 182 9.69 -27.05 -4.65
CA MET A 182 8.88 -25.91 -4.18
C MET A 182 9.14 -24.67 -5.01
N LEU A 183 8.06 -24.07 -5.54
CA LEU A 183 8.18 -22.86 -6.34
C LEU A 183 8.84 -21.71 -5.56
N ARG A 184 9.33 -20.70 -6.27
CA ARG A 184 9.93 -19.53 -5.63
C ARG A 184 8.89 -18.74 -4.82
N GLU A 185 7.71 -18.56 -5.39
CA GLU A 185 6.62 -17.85 -4.72
C GLU A 185 6.26 -18.54 -3.41
N ASP A 186 6.27 -19.87 -3.40
CA ASP A 186 5.92 -20.63 -2.22
C ASP A 186 6.97 -20.52 -1.12
N ALA A 187 8.25 -20.54 -1.52
CA ALA A 187 9.35 -20.32 -0.58
C ALA A 187 9.21 -18.95 0.08
N MET A 188 8.83 -17.94 -0.70
CA MET A 188 8.59 -16.60 -0.16
C MET A 188 7.46 -16.60 0.86
N MET A 189 6.37 -17.29 0.55
CA MET A 189 5.21 -17.35 1.46
C MET A 189 5.56 -18.19 2.69
N GLU A 190 6.29 -19.27 2.48
CA GLU A 190 6.65 -20.16 3.58
C GLU A 190 7.56 -19.43 4.58
N TYR A 191 8.49 -18.64 4.06
CA TYR A 191 9.31 -17.73 4.88
C TYR A 191 8.42 -16.86 5.78
N LEU A 192 7.46 -16.15 5.17
CA LEU A 192 6.60 -15.21 5.91
C LEU A 192 5.69 -15.91 6.91
N LYS A 193 5.12 -17.04 6.49
CA LYS A 193 4.34 -17.88 7.39
C LYS A 193 5.13 -18.27 8.64
N ILE A 194 6.43 -18.53 8.48
CA ILE A 194 7.28 -18.79 9.63
C ILE A 194 7.51 -17.50 10.42
N ALA A 195 7.81 -16.42 9.70
CA ALA A 195 8.23 -15.18 10.32
C ALA A 195 7.12 -14.50 11.11
N GLN A 196 5.87 -14.68 10.69
CA GLN A 196 4.78 -13.88 11.25
C GLN A 196 4.47 -14.29 12.71
N ASP A 197 4.93 -15.48 13.10
CA ASP A 197 4.84 -15.94 14.50
C ASP A 197 6.00 -15.47 15.40
N LEU A 198 6.97 -14.75 14.84
CA LEU A 198 8.00 -14.11 15.66
C LEU A 198 7.33 -13.04 16.53
N GLU A 199 7.80 -12.94 17.77
CA GLU A 199 7.17 -12.07 18.78
C GLU A 199 7.24 -10.57 18.46
N MET A 200 8.32 -10.13 17.81
CA MET A 200 8.50 -8.72 17.41
C MET A 200 7.93 -8.37 16.02
N TYR A 201 7.40 -9.36 15.31
CA TYR A 201 6.93 -9.16 13.93
C TYR A 201 5.70 -8.25 13.86
N GLY A 202 5.70 -7.33 12.89
CA GLY A 202 4.58 -6.42 12.67
C GLY A 202 4.26 -5.43 13.79
N VAL A 203 5.15 -5.29 14.77
CA VAL A 203 4.91 -4.42 15.91
C VAL A 203 5.60 -3.07 15.73
N ASN A 204 4.81 -2.01 15.64
CA ASN A 204 5.32 -0.65 15.75
C ASN A 204 5.47 -0.24 17.22
N TYR A 205 6.71 -0.08 17.69
CA TYR A 205 6.96 0.27 19.09
C TYR A 205 7.04 1.80 19.30
N PHE A 206 6.57 2.25 20.45
CA PHE A 206 6.71 3.66 20.88
C PHE A 206 6.97 3.76 22.37
N GLU A 207 7.81 4.71 22.75
CA GLU A 207 8.11 4.98 24.16
C GLU A 207 6.95 5.77 24.78
N ILE A 208 6.35 5.22 25.83
CA ILE A 208 5.23 5.88 26.50
C ILE A 208 5.32 5.79 28.03
N ARG A 209 4.62 6.69 28.70
CA ARG A 209 4.51 6.69 30.14
C ARG A 209 3.06 6.77 30.56
N ASN A 210 2.69 6.03 31.59
CA ASN A 210 1.34 6.09 32.16
C ASN A 210 1.23 7.24 33.17
N LYS A 211 0.02 7.50 33.65
CA LYS A 211 -0.20 8.54 34.68
C LYS A 211 0.82 8.39 35.81
N LYS A 212 0.99 7.16 36.31
CA LYS A 212 1.97 6.85 37.34
C LYS A 212 3.43 7.17 36.94
N ASN A 213 3.65 7.50 35.67
CA ASN A 213 4.95 7.93 35.14
C ASN A 213 5.99 6.82 35.01
N THR A 214 5.53 5.58 34.95
CA THR A 214 6.39 4.45 34.67
C THR A 214 6.84 4.52 33.21
N GLU A 215 8.03 4.01 32.92
CA GLU A 215 8.49 3.90 31.53
C GLU A 215 7.99 2.59 30.90
N LEU A 216 7.26 2.73 29.79
CA LEU A 216 6.71 1.57 29.08
C LEU A 216 6.85 1.71 27.58
N TRP A 217 6.58 0.61 26.87
CA TRP A 217 6.48 0.59 25.41
C TRP A 217 5.05 0.30 25.00
N LEU A 218 4.48 1.16 24.15
CA LEU A 218 3.24 0.86 23.46
C LEU A 218 3.61 0.11 22.19
N GLY A 219 2.81 -0.90 21.85
CA GLY A 219 2.97 -1.66 20.61
C GLY A 219 1.68 -1.67 19.82
N VAL A 220 1.71 -1.09 18.62
CA VAL A 220 0.56 -1.06 17.72
C VAL A 220 0.80 -2.05 16.60
N ASP A 221 -0.10 -3.01 16.41
CA ASP A 221 -0.01 -3.99 15.32
C ASP A 221 -1.35 -4.28 14.65
N ALA A 222 -1.36 -5.22 13.72
CA ALA A 222 -2.58 -5.60 13.00
C ALA A 222 -3.65 -6.23 13.88
N LEU A 223 -3.25 -6.68 15.08
CA LEU A 223 -4.14 -7.44 15.98
C LEU A 223 -4.74 -6.57 17.09
N GLY A 224 -4.06 -5.48 17.44
CA GLY A 224 -4.52 -4.57 18.49
C GLY A 224 -3.42 -3.68 19.08
N LEU A 225 -3.62 -3.29 20.35
CA LEU A 225 -2.63 -2.51 21.09
C LEU A 225 -2.03 -3.38 22.18
N ASN A 226 -0.75 -3.14 22.51
CA ASN A 226 -0.02 -3.93 23.49
C ASN A 226 0.89 -3.05 24.35
N ILE A 227 1.08 -3.45 25.61
CA ILE A 227 1.96 -2.73 26.54
C ILE A 227 3.12 -3.63 26.97
N TYR A 228 4.35 -3.11 26.88
CA TYR A 228 5.54 -3.85 27.29
C TYR A 228 6.26 -3.06 28.37
N GLU A 229 6.99 -3.76 29.23
CA GLU A 229 7.90 -3.11 30.16
C GLU A 229 9.16 -2.75 29.38
N LYS A 230 9.81 -1.63 29.72
CA LYS A 230 10.99 -1.18 28.96
C LYS A 230 12.01 -2.29 28.78
N ASP A 231 12.19 -3.11 29.81
CA ASP A 231 13.22 -4.16 29.78
C ASP A 231 12.90 -5.38 28.90
N ASP A 232 11.73 -5.45 28.27
CA ASP A 232 11.35 -6.65 27.51
C ASP A 232 10.34 -6.40 26.37
N LYS A 233 10.85 -6.35 25.13
CA LYS A 233 10.02 -6.07 23.96
C LYS A 233 9.41 -7.32 23.32
N LEU A 234 9.86 -8.51 23.70
CA LEU A 234 9.33 -9.74 23.11
C LEU A 234 8.04 -10.22 23.76
N THR A 235 7.86 -9.91 25.04
CA THR A 235 6.71 -10.42 25.79
C THR A 235 5.85 -9.27 26.31
N PRO A 236 4.69 -9.02 25.67
CA PRO A 236 3.80 -7.96 26.12
C PRO A 236 3.04 -8.40 27.36
N LYS A 237 2.75 -7.45 28.24
CA LYS A 237 2.13 -7.75 29.54
C LYS A 237 0.62 -7.48 29.54
N ILE A 238 0.16 -6.49 28.79
CA ILE A 238 -1.28 -6.20 28.65
C ILE A 238 -1.62 -5.97 27.18
N GLY A 239 -2.86 -6.28 26.79
CA GLY A 239 -3.28 -6.11 25.40
C GLY A 239 -4.76 -5.82 25.21
N PHE A 240 -5.06 -5.03 24.19
CA PHE A 240 -6.44 -4.70 23.82
C PHE A 240 -6.64 -5.01 22.33
N PRO A 241 -7.60 -5.87 21.97
CA PRO A 241 -7.92 -6.08 20.56
C PRO A 241 -8.62 -4.87 19.96
N TRP A 242 -8.55 -4.74 18.63
CA TRP A 242 -9.15 -3.60 17.95
C TRP A 242 -10.67 -3.55 18.15
N SER A 243 -11.27 -4.71 18.42
CA SER A 243 -12.71 -4.82 18.66
C SER A 243 -13.17 -4.18 19.97
N GLU A 244 -12.23 -3.87 20.86
CA GLU A 244 -12.52 -3.18 22.11
C GLU A 244 -12.28 -1.67 22.07
N ILE A 245 -11.88 -1.13 20.92
CA ILE A 245 -11.58 0.30 20.81
C ILE A 245 -12.72 1.05 20.09
N ARG A 246 -13.02 2.25 20.58
CA ARG A 246 -14.15 3.07 20.10
C ARG A 246 -13.71 4.42 19.53
N ASN A 247 -12.78 5.09 20.20
CA ASN A 247 -12.29 6.40 19.79
C ASN A 247 -10.84 6.59 20.21
N ILE A 248 -10.09 7.32 19.40
CA ILE A 248 -8.70 7.63 19.68
C ILE A 248 -8.45 9.11 19.42
N SER A 249 -7.65 9.74 20.29
CA SER A 249 -7.31 11.15 20.12
C SER A 249 -6.13 11.54 21.01
N PHE A 250 -5.49 12.65 20.68
CA PHE A 250 -4.39 13.18 21.48
C PHE A 250 -4.48 14.69 21.63
N ASN A 251 -4.01 15.17 22.79
CA ASN A 251 -3.81 16.60 23.04
C ASN A 251 -2.36 16.82 23.45
N ASP A 252 -1.59 17.48 22.58
CA ASP A 252 -0.15 17.64 22.74
C ASP A 252 0.55 16.29 23.01
N ARG A 253 0.95 16.04 24.26
CA ARG A 253 1.63 14.79 24.61
C ARG A 253 0.69 13.75 25.22
N LYS A 254 -0.50 14.18 25.65
CA LYS A 254 -1.49 13.30 26.24
C LYS A 254 -2.21 12.55 25.12
N PHE A 255 -2.34 11.24 25.29
CA PHE A 255 -3.04 10.40 24.31
C PHE A 255 -4.14 9.68 25.06
N ILE A 256 -5.38 9.82 24.60
CA ILE A 256 -6.54 9.23 25.28
C ILE A 256 -7.20 8.17 24.40
N ILE A 257 -7.31 6.96 24.93
CA ILE A 257 -7.99 5.86 24.23
C ILE A 257 -9.29 5.51 24.94
N LYS A 258 -10.42 5.72 24.25
CA LYS A 258 -11.74 5.44 24.82
C LYS A 258 -12.28 4.10 24.32
N PRO A 259 -12.59 3.18 25.25
CA PRO A 259 -13.06 1.83 24.87
C PRO A 259 -14.53 1.77 24.43
N ILE A 260 -14.96 0.60 23.97
CA ILE A 260 -16.35 0.36 23.57
C ILE A 260 -17.22 0.23 24.81
N ASP A 261 -16.76 -0.57 25.77
CA ASP A 261 -17.40 -0.71 27.07
C ASP A 261 -17.45 0.65 27.78
N LYS A 262 -18.66 1.12 28.07
CA LYS A 262 -18.83 2.41 28.76
C LYS A 262 -18.52 2.31 30.26
N LYS A 263 -18.55 1.09 30.80
CA LYS A 263 -18.22 0.86 32.20
C LYS A 263 -16.74 1.12 32.48
N ALA A 264 -15.88 0.74 31.53
CA ALA A 264 -14.43 0.88 31.67
C ALA A 264 -13.97 2.32 31.47
N PRO A 265 -12.93 2.74 32.21
CA PRO A 265 -12.44 4.11 32.14
C PRO A 265 -11.55 4.34 30.93
N ASP A 266 -11.22 5.61 30.67
CA ASP A 266 -10.30 5.97 29.60
C ASP A 266 -8.91 5.37 29.84
N PHE A 267 -8.31 4.86 28.78
CA PHE A 267 -6.94 4.33 28.80
C PHE A 267 -6.06 5.47 28.29
N VAL A 268 -5.29 6.05 29.22
CA VAL A 268 -4.59 7.31 28.97
C VAL A 268 -3.09 7.12 29.21
N PHE A 269 -2.28 7.60 28.26
CA PHE A 269 -0.82 7.57 28.38
C PHE A 269 -0.21 8.80 27.72
N PHE A 270 1.11 8.94 27.81
CA PHE A 270 1.82 10.16 27.36
C PHE A 270 3.03 9.88 26.48
N ALA A 271 3.03 10.44 25.28
CA ALA A 271 4.20 10.37 24.42
C ALA A 271 5.22 11.39 24.91
N PRO A 272 6.47 11.28 24.46
CA PRO A 272 7.48 12.28 24.75
C PRO A 272 7.46 13.43 23.75
N ARG A 273 6.50 13.41 22.83
CA ARG A 273 6.50 14.37 21.73
C ARG A 273 5.17 14.30 20.99
N VAL A 274 4.68 15.45 20.55
CA VAL A 274 3.43 15.50 19.79
C VAL A 274 3.57 14.73 18.47
N ARG A 275 4.74 14.82 17.85
CA ARG A 275 5.00 14.11 16.60
C ARG A 275 4.81 12.61 16.76
N VAL A 276 5.23 12.07 17.91
CA VAL A 276 5.03 10.65 18.18
C VAL A 276 3.54 10.29 18.19
N ASN A 277 2.72 11.15 18.82
CA ASN A 277 1.29 10.87 18.94
C ASN A 277 0.53 10.91 17.61
N LYS A 278 0.98 11.75 16.68
CA LYS A 278 0.40 11.76 15.33
C LYS A 278 0.65 10.41 14.64
N ARG A 279 1.91 9.99 14.61
CA ARG A 279 2.30 8.71 13.99
C ARG A 279 1.53 7.55 14.59
N ILE A 280 1.37 7.55 15.92
CA ILE A 280 0.62 6.50 16.62
C ILE A 280 -0.82 6.47 16.14
N LEU A 281 -1.44 7.66 16.11
CA LEU A 281 -2.85 7.78 15.71
C LEU A 281 -3.07 7.24 14.31
N ALA A 282 -2.21 7.62 13.36
CA ALA A 282 -2.36 7.18 11.97
C ALA A 282 -2.31 5.66 11.86
N LEU A 283 -1.34 5.06 12.54
CA LEU A 283 -1.18 3.61 12.55
C LEU A 283 -2.35 2.93 13.26
N CYS A 284 -2.95 3.61 14.22
CA CYS A 284 -4.11 3.08 14.92
C CYS A 284 -5.34 3.12 14.03
N MET A 285 -5.63 4.30 13.50
CA MET A 285 -6.68 4.47 12.50
C MET A 285 -6.50 3.42 11.41
N GLY A 286 -5.26 3.30 10.92
CA GLY A 286 -4.95 2.43 9.80
C GLY A 286 -5.12 0.96 10.10
N ASN A 287 -4.55 0.51 11.20
CA ASN A 287 -4.61 -0.90 11.56
C ASN A 287 -6.02 -1.31 11.95
N HIS A 288 -6.76 -0.38 12.56
CA HIS A 288 -8.14 -0.67 12.96
C HIS A 288 -9.03 -0.85 11.74
N GLU A 289 -8.88 0.02 10.75
CA GLU A 289 -9.71 -0.07 9.55
C GLU A 289 -9.46 -1.39 8.85
N LEU A 290 -8.19 -1.74 8.66
CA LEU A 290 -7.85 -2.96 7.94
C LEU A 290 -8.31 -4.17 8.73
N TYR A 291 -8.29 -4.04 10.06
CA TYR A 291 -8.81 -5.06 10.97
C TYR A 291 -10.24 -5.37 10.59
N MET A 292 -11.05 -4.31 10.48
CA MET A 292 -12.47 -4.47 10.23
C MET A 292 -12.77 -5.06 8.84
N ARG A 293 -11.97 -4.72 7.84
CA ARG A 293 -12.14 -5.32 6.51
C ARG A 293 -11.96 -6.83 6.56
N ARG A 294 -11.04 -7.28 7.41
CA ARG A 294 -10.74 -8.70 7.53
C ARG A 294 -11.87 -9.47 8.19
N ARG A 295 -12.72 -8.76 8.94
CA ARG A 295 -13.90 -9.32 9.59
C ARG A 295 -15.13 -9.35 8.69
N LYS A 296 -15.00 -8.81 7.48
CA LYS A 296 -16.13 -8.75 6.55
C LYS A 296 -15.81 -9.57 5.31
N PRO A 297 -16.84 -9.97 4.55
CA PRO A 297 -16.58 -10.70 3.31
C PRO A 297 -15.76 -9.89 2.30
N ASP A 298 -15.13 -10.59 1.36
CA ASP A 298 -14.31 -9.94 0.35
C ASP A 298 -15.19 -9.09 -0.52
N THR A 299 -14.64 -7.96 -0.96
CA THR A 299 -15.32 -7.04 -1.84
C THR A 299 -15.26 -7.56 -3.27
N ILE A 300 -15.96 -6.89 -4.17
CA ILE A 300 -16.00 -7.31 -5.57
C ILE A 300 -14.58 -7.24 -6.15
N ASP A 301 -13.88 -6.14 -5.88
CA ASP A 301 -12.56 -5.90 -6.47
C ASP A 301 -11.56 -6.90 -5.90
N VAL A 302 -11.69 -7.19 -4.62
CA VAL A 302 -10.82 -8.14 -3.96
C VAL A 302 -11.01 -9.54 -4.54
N GLN A 303 -12.25 -9.94 -4.78
CA GLN A 303 -12.52 -11.25 -5.37
C GLN A 303 -11.96 -11.35 -6.79
N GLN A 304 -12.09 -10.26 -7.56
CA GLN A 304 -11.53 -10.20 -8.90
C GLN A 304 -10.00 -10.36 -8.85
N MET A 305 -9.35 -9.62 -7.95
CA MET A 305 -7.90 -9.74 -7.75
C MET A 305 -7.51 -11.19 -7.48
N LYS A 306 -8.23 -11.83 -6.56
CA LYS A 306 -7.92 -13.18 -6.15
C LYS A 306 -8.07 -14.15 -7.31
N ALA A 307 -9.16 -13.98 -8.06
CA ALA A 307 -9.42 -14.80 -9.25
C ALA A 307 -8.30 -14.62 -10.24
N GLN A 308 -7.96 -13.36 -10.51
CA GLN A 308 -6.92 -12.99 -11.45
C GLN A 308 -5.56 -13.55 -11.00
N ALA A 309 -5.23 -13.35 -9.72
CA ALA A 309 -3.99 -13.84 -9.16
C ALA A 309 -3.83 -15.35 -9.41
N ARG A 310 -4.86 -16.14 -9.10
CA ARG A 310 -4.82 -17.60 -9.30
C ARG A 310 -4.66 -17.98 -10.76
N GLU A 311 -5.21 -17.15 -11.64
CA GLU A 311 -5.18 -17.39 -13.08
C GLU A 311 -3.77 -17.12 -13.61
N GLU A 312 -3.20 -15.98 -13.24
CA GLU A 312 -1.84 -15.62 -13.66
C GLU A 312 -0.77 -16.52 -13.05
N LYS A 313 -1.06 -17.15 -11.91
CA LYS A 313 -0.14 -18.11 -11.30
C LYS A 313 0.00 -19.36 -12.18
N LEU A 314 -1.12 -19.87 -12.70
CA LEU A 314 -1.09 -21.00 -13.63
C LEU A 314 -0.55 -20.60 -15.01
N ALA A 315 -0.85 -19.39 -15.46
CA ALA A 315 -0.30 -18.86 -16.71
C ALA A 315 1.22 -18.81 -16.69
N LYS A 316 1.78 -18.34 -15.57
CA LYS A 316 3.22 -18.27 -15.40
C LYS A 316 3.86 -19.65 -15.23
N GLN A 317 3.14 -20.61 -14.64
CA GLN A 317 3.63 -21.99 -14.52
C GLN A 317 3.89 -22.60 -15.89
N ALA A 318 2.93 -22.46 -16.79
CA ALA A 318 3.06 -22.96 -18.15
C ALA A 318 4.25 -22.31 -18.87
N GLN A 319 4.32 -20.99 -18.81
CA GLN A 319 5.43 -20.23 -19.43
C GLN A 319 6.82 -20.73 -18.99
N ARG A 320 6.95 -21.13 -17.73
CA ARG A 320 8.20 -21.66 -17.20
C ARG A 320 8.39 -23.12 -17.62
N GLU A 326 17.43 -20.82 -18.30
CA GLU A 326 17.07 -20.13 -17.07
C GLU A 326 18.15 -19.11 -16.68
N ILE A 327 17.72 -18.03 -16.04
CA ILE A 327 18.53 -16.84 -15.78
C ILE A 327 19.16 -16.87 -14.37
N ALA A 328 20.21 -16.09 -14.16
CA ALA A 328 20.81 -15.89 -12.83
C ALA A 328 19.92 -14.99 -11.97
N ALA A 329 20.27 -14.79 -10.71
CA ALA A 329 19.47 -13.96 -9.79
C ALA A 329 19.73 -12.48 -10.01
N ARG A 330 21.02 -12.12 -10.14
CA ARG A 330 21.44 -10.75 -10.42
C ARG A 330 20.84 -10.24 -11.72
N GLU A 331 20.71 -11.12 -12.71
CA GLU A 331 20.22 -10.76 -14.04
C GLU A 331 18.69 -10.71 -14.07
N ARG A 332 18.03 -11.58 -13.33
CA ARG A 332 16.57 -11.50 -13.16
C ARG A 332 16.19 -10.14 -12.61
N ALA A 333 17.00 -9.67 -11.67
CA ALA A 333 16.76 -8.40 -10.99
C ALA A 333 16.93 -7.23 -11.94
N GLU A 334 17.94 -7.31 -12.80
CA GLU A 334 18.25 -6.24 -13.75
C GLU A 334 17.16 -6.11 -14.82
N LYS A 335 16.68 -7.24 -15.34
CA LYS A 335 15.58 -7.24 -16.32
C LYS A 335 14.27 -6.74 -15.69
N LYS A 336 14.01 -7.14 -14.45
CA LYS A 336 12.83 -6.67 -13.73
C LYS A 336 12.88 -5.16 -13.53
N GLN A 337 14.05 -4.67 -13.14
CA GLN A 337 14.29 -3.24 -12.99
C GLN A 337 14.07 -2.53 -14.32
N GLN A 338 14.47 -3.17 -15.42
CA GLN A 338 14.32 -2.57 -16.75
C GLN A 338 12.85 -2.52 -17.12
N GLU A 339 12.16 -3.64 -16.93
CA GLU A 339 10.72 -3.72 -17.17
C GLU A 339 9.98 -2.57 -16.49
N TYR A 340 10.25 -2.36 -15.21
CA TYR A 340 9.65 -1.25 -14.47
C TYR A 340 9.95 0.09 -15.15
N GLN A 341 11.18 0.28 -15.62
CA GLN A 341 11.55 1.53 -16.29
C GLN A 341 10.78 1.72 -17.61
N ASP A 342 10.64 0.65 -18.37
CA ASP A 342 9.97 0.73 -19.66
C ASP A 342 8.49 1.04 -19.49
N ARG A 343 7.84 0.39 -18.53
CA ARG A 343 6.42 0.63 -18.25
C ARG A 343 6.18 2.04 -17.72
N LEU A 344 7.03 2.49 -16.82
CA LEU A 344 6.94 3.85 -16.31
C LEU A 344 7.07 4.86 -17.47
N ARG A 345 8.02 4.59 -18.38
CA ARG A 345 8.26 5.48 -19.52
C ARG A 345 7.03 5.55 -20.42
N GLN A 346 6.52 4.39 -20.79
CA GLN A 346 5.30 4.28 -21.58
C GLN A 346 4.13 4.94 -20.87
N MET A 347 3.95 4.62 -19.60
CA MET A 347 2.86 5.18 -18.83
C MET A 347 2.88 6.71 -18.88
N GLN A 348 4.04 7.30 -18.61
CA GLN A 348 4.16 8.77 -18.62
C GLN A 348 3.91 9.37 -20.00
N GLU A 349 4.32 8.66 -21.04
CA GLU A 349 4.11 9.08 -22.42
C GLU A 349 2.61 9.13 -22.68
N GLU A 350 1.94 8.02 -22.39
CA GLU A 350 0.49 7.86 -22.62
C GLU A 350 -0.34 8.83 -21.81
N MET A 351 0.13 9.16 -20.60
CA MET A 351 -0.56 10.16 -19.78
C MET A 351 -0.53 11.53 -20.45
N GLU A 352 0.65 11.94 -20.92
CA GLU A 352 0.81 13.24 -21.61
C GLU A 352 0.01 13.32 -22.90
N ARG A 353 -0.08 12.22 -23.64
CA ARG A 353 -0.93 12.18 -24.81
C ARG A 353 -2.38 12.37 -24.40
N SER A 354 -2.82 11.61 -23.40
CA SER A 354 -4.21 11.69 -22.95
C SER A 354 -4.55 13.05 -22.38
N GLN A 355 -3.61 13.68 -21.70
CA GLN A 355 -3.80 15.04 -21.19
C GLN A 355 -3.93 16.01 -22.36
N ALA A 356 -3.06 15.86 -23.36
CA ALA A 356 -3.11 16.70 -24.56
C ALA A 356 -4.45 16.55 -25.27
N ASN A 357 -4.81 15.31 -25.59
CA ASN A 357 -6.10 15.00 -26.21
C ASN A 357 -7.32 15.56 -25.49
N LEU A 358 -7.26 15.57 -24.15
CA LEU A 358 -8.36 16.07 -23.32
C LEU A 358 -8.48 17.60 -23.44
N LEU A 359 -7.37 18.32 -23.24
CA LEU A 359 -7.36 19.77 -23.39
C LEU A 359 -7.71 20.17 -24.82
N GLU A 360 -7.27 19.35 -25.78
CA GLU A 360 -7.56 19.59 -27.19
C GLU A 360 -9.06 19.47 -27.44
N ALA A 361 -9.66 18.41 -26.91
CA ALA A 361 -11.11 18.18 -27.04
C ALA A 361 -11.93 19.25 -26.32
N GLN A 362 -11.48 19.67 -25.14
CA GLN A 362 -12.20 20.71 -24.38
C GLN A 362 -12.25 22.06 -25.10
N ASP A 363 -11.08 22.52 -25.55
CA ASP A 363 -10.97 23.78 -26.27
C ASP A 363 -11.83 23.75 -27.53
N MET A 364 -11.78 22.64 -28.26
CA MET A 364 -12.61 22.43 -29.44
C MET A 364 -14.09 22.52 -29.08
N ILE A 365 -14.49 21.77 -28.05
CA ILE A 365 -15.86 21.83 -27.52
C ILE A 365 -16.28 23.27 -27.23
N LEU A 366 -15.39 24.04 -26.62
CA LEU A 366 -15.67 25.44 -26.26
C LEU A 366 -15.85 26.30 -27.52
N ARG A 367 -14.94 26.15 -28.48
CA ARG A 367 -15.01 26.86 -29.75
C ARG A 367 -16.24 26.47 -30.57
N LEU A 368 -16.62 25.20 -30.51
CA LEU A 368 -17.80 24.71 -31.21
C LEU A 368 -19.08 25.33 -30.65
N GLU A 369 -19.18 25.40 -29.32
CA GLU A 369 -20.36 25.95 -28.66
C GLU A 369 -20.52 27.46 -28.89
N GLU A 370 -19.43 28.16 -29.16
CA GLU A 370 -19.48 29.57 -29.54
C GLU A 370 -19.99 29.72 -30.97
N GLN A 371 -19.48 28.88 -31.86
CA GLN A 371 -19.89 28.89 -33.27
C GLN A 371 -21.34 28.42 -33.46
N LEU A 372 -21.80 27.51 -32.61
CA LEU A 372 -23.20 27.06 -32.64
C LEU A 372 -24.17 28.18 -32.25
N ARG A 373 -23.73 29.09 -31.36
CA ARG A 373 -24.53 30.26 -30.99
C ARG A 373 -24.48 31.29 -32.12
N GLN A 374 -23.33 31.39 -32.78
CA GLN A 374 -23.15 32.30 -33.93
C GLN A 374 -24.00 31.90 -35.15
N LEU A 375 -24.21 30.60 -35.34
CA LEU A 375 -25.06 30.12 -36.44
C LEU A 375 -26.55 30.18 -36.09
N GLN A 376 -26.86 30.18 -34.79
CA GLN A 376 -28.24 30.41 -34.34
C GLN A 376 -28.59 31.90 -34.32
N ALA A 377 -27.59 32.76 -34.13
CA ALA A 377 -27.78 34.21 -34.16
C ALA A 377 -27.93 34.72 -35.60
N ALA A 378 -27.19 34.12 -36.52
CA ALA A 378 -27.30 34.46 -37.95
C ALA A 378 -28.59 33.89 -38.56
N LYS A 379 -28.99 32.69 -38.12
CA LYS A 379 -30.25 32.07 -38.56
C LYS A 379 -31.45 32.85 -38.03
N GLU A 380 -31.43 33.20 -36.75
CA GLU A 380 -32.53 33.97 -36.15
C GLU A 380 -32.63 35.39 -36.71
N GLU A 381 -31.54 35.89 -37.29
CA GLU A 381 -31.57 37.15 -38.03
C GLU A 381 -32.23 36.96 -39.39
N LEU A 382 -31.87 35.89 -40.10
CA LEU A 382 -32.50 35.55 -41.38
C LEU A 382 -34.00 35.28 -41.22
N GLU A 383 -34.37 34.58 -40.13
CA GLU A 383 -35.78 34.33 -39.80
C GLU A 383 -36.56 35.64 -39.53
N GLN A 384 -35.89 36.61 -38.90
CA GLN A 384 -36.46 37.94 -38.68
C GLN A 384 -36.66 38.68 -40.00
N ARG A 385 -35.66 38.61 -40.88
CA ARG A 385 -35.73 39.26 -42.19
C ARG A 385 -36.79 38.61 -43.07
N GLN A 386 -36.90 37.29 -43.02
CA GLN A 386 -37.96 36.55 -43.71
C GLN A 386 -39.35 36.99 -43.26
N ASN A 387 -39.54 37.07 -41.94
CA ASN A 387 -40.81 37.50 -41.35
C ASN A 387 -41.15 38.95 -41.68
N GLU A 388 -40.14 39.82 -41.74
CA GLU A 388 -40.34 41.22 -42.11
C GLU A 388 -40.46 41.41 -43.61
N LEU A 389 -39.81 40.55 -44.39
CA LEU A 389 -39.98 40.55 -45.85
C LEU A 389 -41.36 40.05 -46.27
N GLN A 390 -41.93 39.11 -45.51
CA GLN A 390 -43.29 38.64 -45.76
C GLN A 390 -44.32 39.69 -45.38
N ALA A 391 -44.06 40.45 -44.31
CA ALA A 391 -44.95 41.52 -43.86
C ALA A 391 -45.02 42.68 -44.86
N MET A 392 -43.88 43.08 -45.42
CA MET A 392 -43.86 44.15 -46.43
C MET A 392 -44.42 43.69 -47.77
N MET A 393 -44.20 42.41 -48.11
CA MET A 393 -44.70 41.82 -49.36
C MET A 393 -46.22 41.71 -49.35
N GLN A 394 -46.79 41.35 -48.20
CA GLN A 394 -48.25 41.26 -48.04
C GLN A 394 -48.92 42.63 -48.05
N ARG A 395 -48.21 43.65 -47.59
CA ARG A 395 -48.72 45.03 -47.55
C ARG A 395 -48.54 45.79 -48.87
N LEU A 396 -47.48 45.46 -49.62
CA LEU A 396 -47.25 46.07 -50.95
C LEU A 396 -48.09 45.40 -52.05
N GLU A 397 -48.47 44.14 -51.85
CA GLU A 397 -49.35 43.43 -52.79
C GLU A 397 -50.79 43.93 -52.73
N GLU A 398 -51.28 44.24 -51.52
CA GLU A 398 -52.59 44.85 -51.34
C GLU A 398 -52.63 46.26 -51.95
N THR A 399 -51.52 46.99 -51.80
CA THR A 399 -51.32 48.28 -52.47
C THR A 399 -51.10 48.04 -53.97
N LEU A 410 -45.98 47.78 -59.65
CA LEU A 410 -46.30 47.10 -58.41
C LEU A 410 -45.98 45.60 -58.49
N GLU A 411 -46.25 45.00 -59.64
CA GLU A 411 -46.05 43.55 -59.86
C GLU A 411 -44.59 43.19 -60.13
N ASP A 412 -43.75 44.20 -60.38
CA ASP A 412 -42.31 44.02 -60.54
C ASP A 412 -41.60 44.03 -59.18
N GLU A 413 -42.15 44.80 -58.23
CA GLU A 413 -41.64 44.83 -56.85
C GLU A 413 -42.03 43.57 -56.06
N ILE A 414 -43.17 42.97 -56.41
CA ILE A 414 -43.65 41.73 -55.80
C ILE A 414 -42.76 40.53 -56.16
N ARG A 415 -42.20 40.55 -57.36
CA ARG A 415 -41.22 39.54 -57.80
C ARG A 415 -39.87 39.72 -57.13
N ALA A 416 -39.42 40.98 -57.03
CA ALA A 416 -38.14 41.31 -56.40
C ALA A 416 -38.11 40.93 -54.92
N LYS A 417 -39.23 41.09 -54.24
CA LYS A 417 -39.35 40.73 -52.83
C LYS A 417 -39.50 39.22 -52.62
N GLN A 418 -40.25 38.56 -53.50
CA GLN A 418 -40.43 37.10 -53.41
C GLN A 418 -39.14 36.34 -53.68
N GLU A 419 -38.33 36.87 -54.59
CA GLU A 419 -37.02 36.27 -54.91
C GLU A 419 -36.05 36.38 -53.72
N GLU A 420 -35.99 37.55 -53.10
CA GLU A 420 -35.10 37.76 -51.94
C GLU A 420 -35.52 36.96 -50.70
N VAL A 421 -36.82 36.73 -50.53
CA VAL A 421 -37.32 35.89 -49.44
C VAL A 421 -36.86 34.44 -49.61
N SER A 422 -36.92 33.94 -50.84
CA SER A 422 -36.45 32.58 -51.16
C SER A 422 -34.94 32.45 -51.04
N ARG A 423 -34.20 33.50 -51.42
CA ARG A 423 -32.74 33.51 -51.32
C ARG A 423 -32.26 33.55 -49.87
N ILE A 424 -33.06 34.15 -48.99
CA ILE A 424 -32.79 34.11 -47.54
C ILE A 424 -33.05 32.70 -46.98
N GLN A 425 -34.00 31.97 -47.58
CA GLN A 425 -34.25 30.58 -47.21
C GLN A 425 -33.12 29.67 -47.70
N GLN A 426 -32.48 30.02 -48.82
CA GLN A 426 -31.28 29.31 -49.28
C GLN A 426 -30.16 29.42 -48.25
N GLU A 427 -29.98 30.62 -47.69
CA GLU A 427 -28.96 30.86 -46.67
C GLU A 427 -29.27 30.15 -45.35
N VAL A 428 -30.55 30.01 -45.03
CA VAL A 428 -30.97 29.27 -43.85
C VAL A 428 -30.68 27.77 -44.01
N GLU A 429 -30.88 27.26 -45.23
CA GLU A 429 -30.59 25.86 -45.55
C GLU A 429 -29.09 25.54 -45.49
N LEU A 430 -28.28 26.50 -45.93
CA LEU A 430 -26.83 26.36 -45.86
C LEU A 430 -26.36 26.27 -44.42
N LYS A 431 -26.86 27.17 -43.57
CA LYS A 431 -26.43 27.24 -42.17
C LYS A 431 -27.05 26.15 -41.27
N ASP A 432 -28.15 25.53 -41.72
CA ASP A 432 -28.69 24.36 -41.04
C ASP A 432 -27.97 23.07 -41.44
N SER A 433 -27.23 23.12 -42.55
CA SER A 433 -26.36 22.02 -42.95
C SER A 433 -25.01 22.09 -42.22
N GLU A 434 -24.57 23.31 -41.91
CA GLU A 434 -23.33 23.51 -41.14
C GLU A 434 -23.58 23.23 -39.65
N THR A 435 -24.74 23.68 -39.15
CA THR A 435 -25.16 23.34 -37.79
C THR A 435 -25.22 21.83 -37.60
N ARG A 436 -25.77 21.13 -38.60
CA ARG A 436 -25.84 19.67 -38.60
C ARG A 436 -24.44 19.03 -38.57
N ARG A 437 -23.49 19.66 -39.24
CA ARG A 437 -22.09 19.21 -39.24
C ARG A 437 -21.43 19.46 -37.88
N LEU A 438 -21.61 20.66 -37.34
CA LEU A 438 -21.03 21.05 -36.05
C LEU A 438 -21.52 20.17 -34.90
N GLN A 439 -22.81 19.82 -34.93
CA GLN A 439 -23.39 18.95 -33.92
C GLN A 439 -22.60 17.64 -33.81
N GLU A 440 -22.42 16.96 -34.93
CA GLU A 440 -21.70 15.68 -34.96
C GLU A 440 -20.22 15.84 -34.65
N GLU A 441 -19.67 17.04 -34.85
CA GLU A 441 -18.30 17.34 -34.45
C GLU A 441 -18.18 17.59 -32.94
N VAL A 442 -19.21 18.16 -32.33
CA VAL A 442 -19.24 18.34 -30.88
C VAL A 442 -19.34 16.99 -30.17
N GLU A 443 -20.26 16.15 -30.62
CA GLU A 443 -20.47 14.82 -30.01
C GLU A 443 -19.22 13.94 -30.17
N ASP A 444 -18.47 14.16 -31.25
CA ASP A 444 -17.21 13.44 -31.49
C ASP A 444 -16.11 13.94 -30.56
N ALA A 445 -16.15 15.23 -30.21
CA ALA A 445 -15.23 15.81 -29.23
C ALA A 445 -15.48 15.25 -27.83
N ARG A 446 -16.74 15.01 -27.50
CA ARG A 446 -17.11 14.45 -26.19
C ARG A 446 -16.67 13.00 -26.05
N ARG A 447 -16.66 12.25 -27.14
CA ARG A 447 -16.13 10.89 -27.14
C ARG A 447 -14.63 10.92 -26.88
N LYS A 448 -13.94 11.83 -27.57
CA LYS A 448 -12.50 11.99 -27.39
C LYS A 448 -12.16 12.43 -25.96
N GLN A 449 -12.98 13.31 -25.40
CA GLN A 449 -12.79 13.79 -24.04
C GLN A 449 -12.99 12.67 -23.01
N ASP A 450 -14.04 11.88 -23.19
CA ASP A 450 -14.38 10.80 -22.27
C ASP A 450 -13.33 9.68 -22.28
N GLU A 451 -12.81 9.38 -23.47
CA GLU A 451 -11.75 8.38 -23.62
C GLU A 451 -10.44 8.87 -22.99
N ALA A 452 -10.11 10.13 -23.20
CA ALA A 452 -8.95 10.74 -22.57
C ALA A 452 -9.08 10.67 -21.05
N ALA A 453 -10.22 11.10 -20.54
CA ALA A 453 -10.50 11.06 -19.12
C ALA A 453 -10.38 9.64 -18.57
N ALA A 454 -10.99 8.68 -19.26
CA ALA A 454 -10.92 7.27 -18.84
C ALA A 454 -9.47 6.85 -18.73
N ALA A 455 -8.70 7.17 -19.78
CA ALA A 455 -7.28 6.82 -19.86
C ALA A 455 -6.53 7.38 -18.67
N LEU A 456 -6.76 8.66 -18.37
CA LEU A 456 -6.10 9.28 -17.25
C LEU A 456 -6.45 8.55 -15.95
N LEU A 457 -7.72 8.18 -15.80
CA LEU A 457 -8.19 7.53 -14.57
C LEU A 457 -7.73 6.08 -14.50
N ALA A 458 -7.51 5.46 -15.65
CA ALA A 458 -6.88 4.14 -15.71
C ALA A 458 -5.50 4.16 -15.07
N ALA A 459 -4.90 5.34 -14.92
CA ALA A 459 -3.61 5.48 -14.24
C ALA A 459 -3.72 5.84 -12.75
N THR A 460 -4.95 5.94 -12.22
CA THR A 460 -5.14 6.18 -10.78
C THR A 460 -5.68 4.92 -10.12
N THR A 461 -5.49 4.80 -8.81
CA THR A 461 -6.00 3.66 -8.05
C THR A 461 -7.28 4.06 -7.34
N PRO A 462 -8.26 3.16 -7.31
CA PRO A 462 -9.50 3.56 -6.65
C PRO A 462 -9.24 4.07 -5.23
N GLN A 463 -9.77 5.25 -4.93
CA GLN A 463 -9.58 5.92 -3.65
C GLN A 463 -10.06 5.07 -2.46
N HIS A 464 -11.12 4.30 -2.66
CA HIS A 464 -11.73 3.56 -1.55
C HIS A 464 -10.88 2.36 -1.09
N HIS A 465 -9.90 1.97 -1.91
CA HIS A 465 -8.95 0.92 -1.53
C HIS A 465 -7.97 1.39 -0.48
N HIS A 466 -7.66 2.68 -0.50
CA HIS A 466 -6.69 3.24 0.43
C HIS A 466 -7.26 3.33 1.85
N VAL A 467 -6.38 3.25 2.83
CA VAL A 467 -6.76 3.45 4.22
C VAL A 467 -6.99 4.94 4.46
N ALA A 468 -8.09 5.26 5.14
CA ALA A 468 -8.41 6.63 5.54
C ALA A 468 -7.26 7.21 6.35
N GLU A 469 -6.85 8.43 6.00
CA GLU A 469 -5.73 9.10 6.64
C GLU A 469 -6.16 10.35 7.44
N ARG A 470 -5.42 10.64 8.51
CA ARG A 470 -5.74 11.75 9.42
C ARG A 470 -5.59 13.13 8.77
N ALA A 471 -6.58 14.00 9.00
CA ALA A 471 -6.55 15.37 8.52
C ALA A 471 -5.81 16.28 9.50
N ASP A 472 -5.49 17.50 9.05
CA ASP A 472 -4.78 18.47 9.90
C ASP A 472 -4.95 19.90 9.38
N GLU A 486 -1.74 20.57 17.38
CA GLU A 486 -1.78 20.46 18.84
C GLU A 486 -2.69 19.34 19.32
N SER A 487 -3.74 19.05 18.57
CA SER A 487 -4.66 17.96 18.92
C SER A 487 -5.49 17.50 17.74
N GLY A 488 -5.55 16.18 17.53
CA GLY A 488 -6.38 15.57 16.49
C GLY A 488 -6.93 14.22 16.93
N GLY A 489 -7.73 13.60 16.06
CA GLY A 489 -8.30 12.26 16.32
C GLY A 489 -9.81 12.22 16.37
N GLY A 490 -10.37 11.03 16.56
CA GLY A 490 -11.82 10.86 16.58
C GLY A 490 -12.29 9.43 16.69
N ASP A 491 -13.54 9.19 16.28
CA ASP A 491 -14.20 7.89 16.42
C ASP A 491 -13.71 6.89 15.38
N LEU A 492 -13.58 5.64 15.79
CA LEU A 492 -13.24 4.55 14.89
C LEU A 492 -14.52 3.82 14.45
N ALA A 493 -14.68 3.65 13.15
CA ALA A 493 -15.84 2.93 12.61
C ALA A 493 -16.01 1.59 13.31
N ARG A 494 -17.19 1.36 13.88
CA ARG A 494 -17.50 0.09 14.54
C ARG A 494 -17.62 -1.03 13.51
N GLY A 495 -17.60 -2.27 13.99
CA GLY A 495 -17.56 -3.43 13.11
C GLY A 495 -18.85 -4.23 13.08
N PRO A 496 -18.84 -5.39 12.39
CA PRO A 496 -19.96 -6.31 12.35
C PRO A 496 -20.52 -6.65 13.73
N ASP A 497 -21.81 -6.97 13.78
CA ASP A 497 -22.49 -7.36 15.02
C ASP A 497 -22.08 -8.78 15.45
N ASP A 498 -21.64 -9.58 14.48
CA ASP A 498 -21.25 -10.98 14.70
C ASP A 498 -19.74 -11.18 14.83
N LEU A 499 -19.03 -10.10 15.14
CA LEU A 499 -17.57 -10.07 15.08
C LEU A 499 -16.91 -11.07 16.03
N VAL A 500 -16.02 -11.90 15.49
CA VAL A 500 -15.21 -12.81 16.30
C VAL A 500 -13.74 -12.49 16.07
N ASP A 501 -13.07 -12.03 17.13
CA ASP A 501 -11.64 -11.77 17.09
C ASP A 501 -10.89 -13.09 16.83
N PRO A 502 -10.01 -13.11 15.82
CA PRO A 502 -9.36 -14.36 15.39
C PRO A 502 -8.26 -14.92 16.31
N VAL A 503 -7.76 -14.11 17.24
CA VAL A 503 -6.72 -14.53 18.19
C VAL A 503 -7.18 -15.64 19.16
N ALA A 504 -8.49 -15.78 19.33
CA ALA A 504 -9.03 -16.82 20.19
C ALA A 504 -8.67 -18.22 19.69
N ASP A 505 -8.72 -18.41 18.37
CA ASP A 505 -8.54 -19.72 17.75
C ASP A 505 -7.14 -19.94 17.17
N ARG A 506 -6.30 -18.90 17.19
CA ARG A 506 -5.06 -18.92 16.42
C ARG A 506 -3.90 -19.64 17.10
N ARG A 507 -3.17 -20.43 16.32
CA ARG A 507 -2.05 -21.22 16.83
C ARG A 507 -0.82 -21.03 15.92
N THR A 508 0.37 -21.06 16.53
CA THR A 508 1.61 -20.86 15.78
C THR A 508 1.89 -22.04 14.83
N LEU A 509 2.39 -21.71 13.64
CA LEU A 509 2.75 -22.71 12.63
C LEU A 509 3.59 -23.85 13.22
N ALA A 510 4.39 -23.53 14.25
CA ALA A 510 5.21 -24.54 14.92
C ALA A 510 4.35 -25.55 15.68
N GLU A 511 3.34 -25.07 16.41
CA GLU A 511 2.53 -25.97 17.23
C GLU A 511 1.51 -26.74 16.38
N ARG A 512 1.19 -26.23 15.20
CA ARG A 512 0.33 -26.94 14.25
C ARG A 512 1.08 -27.96 13.39
N ASN A 513 2.22 -27.56 12.83
CA ASN A 513 2.94 -28.39 11.87
C ASN A 513 4.05 -29.20 12.53
N GLU A 514 3.90 -30.52 12.53
CA GLU A 514 4.87 -31.44 13.11
C GLU A 514 6.24 -31.32 12.42
N ARG A 515 6.22 -31.22 11.09
CA ARG A 515 7.46 -31.06 10.32
C ARG A 515 8.26 -29.85 10.82
N LEU A 516 7.61 -28.69 10.90
CA LEU A 516 8.30 -27.45 11.28
C LEU A 516 8.93 -27.62 12.65
N HIS A 517 8.10 -27.97 13.63
CA HIS A 517 8.55 -28.23 15.00
C HIS A 517 9.83 -29.07 15.04
N ASN A 518 9.83 -30.15 14.25
CA ASN A 518 10.95 -31.08 14.20
C ASN A 518 12.22 -30.47 13.61
N GLN A 519 12.06 -29.57 12.64
CA GLN A 519 13.20 -28.94 11.98
C GLN A 519 13.86 -27.92 12.90
N LEU A 520 13.06 -27.12 13.59
CA LEU A 520 13.59 -26.19 14.60
C LEU A 520 14.30 -27.00 15.68
N LYS A 521 13.70 -28.13 16.05
CA LYS A 521 14.24 -29.01 17.08
C LYS A 521 15.61 -29.53 16.65
N ALA A 522 15.70 -29.98 15.41
CA ALA A 522 16.97 -30.42 14.82
C ALA A 522 18.00 -29.31 14.90
N LEU A 523 17.65 -28.16 14.33
CA LEU A 523 18.53 -26.99 14.28
C LEU A 523 19.01 -26.52 15.65
N LYS A 524 18.13 -26.54 16.66
CA LYS A 524 18.54 -26.19 18.02
C LYS A 524 19.68 -27.11 18.49
N GLN A 525 19.57 -28.39 18.18
CA GLN A 525 20.60 -29.37 18.55
C GLN A 525 21.94 -29.15 17.83
N ASP A 526 21.89 -28.79 16.56
CA ASP A 526 23.13 -28.58 15.77
C ASP A 526 23.82 -27.28 16.17
N LEU A 527 23.05 -26.20 16.22
CA LEU A 527 23.59 -24.89 16.55
C LEU A 527 24.16 -24.83 17.98
N ALA A 528 23.61 -25.64 18.87
CA ALA A 528 24.02 -25.65 20.27
C ALA A 528 25.46 -26.11 20.42
N ARG A 529 25.88 -27.05 19.56
CA ARG A 529 27.22 -27.60 19.66
C ARG A 529 28.35 -26.66 19.19
N SER A 530 28.00 -25.45 18.75
CA SER A 530 28.99 -24.40 18.46
C SER A 530 28.62 -23.05 19.07
N CYS A 531 27.69 -23.05 20.02
CA CYS A 531 27.19 -21.81 20.61
C CYS A 531 28.09 -21.25 21.70
N ASP A 532 28.51 -20.00 21.56
CA ASP A 532 29.32 -19.30 22.57
C ASP A 532 28.43 -18.60 23.59
N GLU A 533 28.15 -19.28 24.70
CA GLU A 533 27.20 -18.80 25.73
C GLU A 533 27.47 -17.39 26.23
N THR A 534 28.71 -16.92 26.13
CA THR A 534 29.07 -15.57 26.55
C THR A 534 28.50 -14.47 25.62
N LYS A 535 28.09 -14.86 24.41
CA LYS A 535 27.56 -13.92 23.41
C LYS A 535 26.03 -13.97 23.31
N GLU A 536 25.38 -14.53 24.32
CA GLU A 536 23.93 -14.59 24.38
C GLU A 536 23.37 -13.19 24.69
N THR A 537 22.58 -12.62 23.78
CA THR A 537 22.04 -11.26 23.98
C THR A 537 20.88 -11.29 24.96
N ALA A 538 20.44 -10.12 25.39
CA ALA A 538 19.32 -10.02 26.34
C ALA A 538 18.06 -10.66 25.76
N MET A 539 17.79 -10.40 24.48
CA MET A 539 16.60 -10.95 23.86
C MET A 539 16.69 -12.48 23.70
N ASP A 540 17.91 -12.99 23.50
CA ASP A 540 18.11 -14.44 23.50
C ASP A 540 17.60 -15.06 24.81
N LYS A 541 17.88 -14.40 25.93
CA LYS A 541 17.52 -14.91 27.26
C LYS A 541 16.03 -14.85 27.46
N ILE A 542 15.43 -13.72 27.08
CA ILE A 542 13.98 -13.54 27.19
C ILE A 542 13.24 -14.59 26.38
N HIS A 543 13.70 -14.82 25.15
CA HIS A 543 13.09 -15.78 24.24
C HIS A 543 13.12 -17.19 24.80
N ARG A 544 14.30 -17.62 25.22
CA ARG A 544 14.45 -18.98 25.74
C ARG A 544 13.58 -19.17 26.97
N GLU A 545 13.53 -18.14 27.80
CA GLU A 545 12.64 -18.16 28.95
C GLU A 545 11.19 -18.43 28.51
N ASN A 546 10.73 -17.67 27.52
CA ASN A 546 9.36 -17.84 27.00
C ASN A 546 9.15 -19.25 26.46
N VAL A 547 10.11 -19.75 25.68
CA VAL A 547 10.01 -21.09 25.10
C VAL A 547 9.97 -22.12 26.23
N ARG A 548 10.88 -21.97 27.18
CA ARG A 548 10.92 -22.78 28.40
C ARG A 548 9.58 -22.83 29.14
N GLN A 549 8.88 -21.69 29.21
CA GLN A 549 7.62 -21.60 29.95
C GLN A 549 6.40 -21.98 29.13
N GLY A 550 6.61 -22.47 27.91
CA GLY A 550 5.51 -22.83 27.01
C GLY A 550 4.71 -21.67 26.45
N ARG A 551 5.34 -20.49 26.37
CA ARG A 551 4.69 -19.32 25.83
C ARG A 551 4.87 -19.24 24.31
N ASP A 552 3.95 -18.55 23.64
CA ASP A 552 4.12 -18.22 22.23
C ASP A 552 3.28 -17.00 21.92
N LYS A 553 3.54 -16.38 20.77
CA LYS A 553 2.94 -15.09 20.45
C LYS A 553 1.44 -15.02 20.74
N TYR A 554 0.71 -16.10 20.45
CA TYR A 554 -0.74 -16.08 20.52
C TYR A 554 -1.27 -16.49 21.90
N LYS A 555 -0.64 -17.50 22.52
CA LYS A 555 -0.92 -17.82 23.94
C LYS A 555 -0.79 -16.56 24.79
N THR A 556 0.35 -15.89 24.67
CA THR A 556 0.62 -14.67 25.42
C THR A 556 -0.38 -13.55 25.12
N LEU A 557 -0.86 -13.48 23.88
CA LEU A 557 -1.90 -12.51 23.53
C LEU A 557 -3.22 -12.88 24.19
N ARG A 558 -3.62 -14.15 24.08
CA ARG A 558 -4.83 -14.64 24.73
C ARG A 558 -4.80 -14.29 26.21
N GLU A 559 -3.69 -14.62 26.85
CA GLU A 559 -3.50 -14.42 28.27
C GLU A 559 -3.63 -12.95 28.65
N ILE A 560 -2.88 -12.06 28.02
CA ILE A 560 -2.86 -10.64 28.43
C ILE A 560 -4.12 -9.87 28.08
N ARG A 561 -5.04 -10.52 27.37
CA ARG A 561 -6.34 -9.93 27.04
C ARG A 561 -7.44 -10.37 28.00
N LYS A 562 -7.15 -11.35 28.85
CA LYS A 562 -8.14 -11.88 29.79
C LYS A 562 -8.61 -10.82 30.77
N GLY A 563 -9.89 -10.89 31.11
CA GLY A 563 -10.53 -9.91 31.95
C GLY A 563 -11.31 -8.98 31.06
N ASN A 564 -11.99 -8.02 31.68
CA ASN A 564 -12.71 -6.99 30.92
C ASN A 564 -11.82 -5.77 30.68
N THR A 565 -12.30 -4.87 29.83
CA THR A 565 -11.55 -3.68 29.48
C THR A 565 -11.15 -2.86 30.72
N LYS A 566 -12.00 -2.79 31.73
CA LYS A 566 -11.66 -2.05 32.95
C LYS A 566 -10.48 -2.67 33.68
N ARG A 567 -10.54 -3.97 33.91
CA ARG A 567 -9.47 -4.69 34.60
C ARG A 567 -8.10 -4.32 34.07
N ARG A 568 -7.97 -4.40 32.75
CA ARG A 568 -6.69 -4.23 32.06
C ARG A 568 -6.27 -2.76 31.98
N VAL A 569 -7.24 -1.85 31.89
CA VAL A 569 -6.94 -0.42 31.98
C VAL A 569 -6.43 -0.06 33.38
N ASP A 570 -6.86 -0.82 34.39
CA ASP A 570 -6.33 -0.67 35.74
C ASP A 570 -4.90 -1.17 35.77
N GLN A 571 -4.70 -2.43 35.36
CA GLN A 571 -3.38 -3.06 35.33
C GLN A 571 -2.30 -2.14 34.78
N PHE A 572 -2.64 -1.45 33.70
CA PHE A 572 -1.72 -0.52 33.04
C PHE A 572 -1.34 0.69 33.91
N GLU A 573 -2.33 1.26 34.60
CA GLU A 573 -2.10 2.44 35.42
C GLU A 573 -1.23 2.12 36.64
N ASN A 574 -1.42 0.92 37.19
CA ASN A 574 -0.65 0.47 38.35
C ASN A 574 0.79 0.07 38.03
N MET A 575 1.06 -0.33 36.78
CA MET A 575 2.43 -0.66 36.34
C MET A 575 3.37 0.52 36.50
CL CL B . -11.86 6.34 -7.35
C URE C . 14.41 18.27 -7.73
O URE C . 14.20 18.16 -8.93
N1 URE C . 13.66 17.58 -6.87
N2 URE C . 15.35 19.09 -7.27
C1 GOL D . 21.24 -32.45 8.04
O1 GOL D . 21.74 -33.60 7.40
C2 GOL D . 20.11 -31.86 7.19
O2 GOL D . 19.95 -30.50 7.50
C3 GOL D . 18.80 -32.58 7.44
O3 GOL D . 17.77 -31.96 6.69
C1 GOL E . 13.40 7.14 3.81
O1 GOL E . 13.89 6.62 5.02
C2 GOL E . 14.52 7.88 3.08
O2 GOL E . 14.49 9.22 3.50
C3 GOL E . 14.36 7.81 1.55
O3 GOL E . 15.42 7.11 0.92
#